data_5AWP
#
_entry.id   5AWP
#
_cell.length_a   123.708
_cell.length_b   123.708
_cell.length_c   84.841
_cell.angle_alpha   90.00
_cell.angle_beta   90.00
_cell.angle_gamma   90.00
#
_symmetry.space_group_name_H-M   'I 41'
#
loop_
_entity.id
_entity.type
_entity.pdbx_description
1 polymer Isomaltodextranase
2 branched alpha-D-glucopyranose-(1-6)-beta-D-glucopyranose
3 non-polymer 'PHOSPHATE ION'
4 water water
#
_entity_poly.entity_id   1
_entity_poly.type   'polypeptide(L)'
_entity_poly.pdbx_seq_one_letter_code
;GSHMATAVTARPGVPVTAAPPLRLASRNSVFTRSGAGPRYWNIYGYSFPHNAPIPENEWKVNIDWLAGNFADFGYDIACT
DGWIEGSSRTTGNGYITSYNDSWQHDWAYWANYLAARKMKLGVYYNPLWVHRAAVEDASKTVLGRPDVKIADLVVPGDFF
ARDIGGNQLYWLDVTKSGAKEYVQGYVRYFKDLGVPYLRIDFLSWYEDGRDANIGQVNAPHGRANYELALSWINEAAGED
MEVSLV(SME)PHMFQDGSAELANGDLVRINADADKGGWDRLSGMRQNWQDAWPNWANPFCGFTGWSHRNGRGQLILDGD
FMRASTFASDEERKTMMNLMVAAGSPLAIADTYQQIGNNAWVYTNKEVLQLNADGLVGKPLYRSATPFSKDPGSRDTERW
AGQLPDGSWGVALFNRSDTETVTKTIDFAKDLGLATGGNVRDLWEHRNLGMDSRATAALAPHASAIFRVTPPKMHGTTRY
PAAFAAWGGGAGFNYNHPGYDGNGFVDGLQAGSGSADPLVTFAVQVPHRGSYAIRYRYANATGDTSTMTVTAEKADRSTV
DGPVHVSFPGLATWDTWGVADGTITLDAGLNLVTIGRGATDKGAINLNWIELDM
;
_entity_poly.pdbx_strand_id   A
#
# COMPACT_ATOMS: atom_id res chain seq x y z
N PRO A 15 -30.05 19.82 -11.31
CA PRO A 15 -30.34 18.42 -10.98
C PRO A 15 -29.36 17.44 -11.62
N VAL A 16 -29.08 16.34 -10.93
CA VAL A 16 -28.10 15.34 -11.40
C VAL A 16 -28.72 14.33 -12.37
N THR A 17 -27.95 13.98 -13.41
CA THR A 17 -28.36 12.95 -14.37
C THR A 17 -27.49 11.70 -14.20
N ALA A 18 -28.07 10.54 -14.54
CA ALA A 18 -27.37 9.26 -14.50
C ALA A 18 -26.10 9.24 -15.37
N ALA A 19 -25.08 8.49 -14.94
CA ALA A 19 -23.84 8.42 -15.70
C ALA A 19 -23.33 6.98 -15.77
N PRO A 20 -22.51 6.68 -16.80
CA PRO A 20 -21.88 5.37 -16.83
C PRO A 20 -20.73 5.31 -15.81
N PRO A 21 -20.23 4.10 -15.52
CA PRO A 21 -19.16 4.03 -14.53
C PRO A 21 -17.84 4.57 -15.09
N LEU A 22 -16.96 5.05 -14.21
CA LEU A 22 -15.61 5.45 -14.61
C LEU A 22 -14.78 4.25 -15.05
N ARG A 23 -13.90 4.46 -16.02
CA ARG A 23 -12.88 3.48 -16.39
C ARG A 23 -11.75 3.49 -15.35
N LEU A 24 -11.50 2.36 -14.71
CA LEU A 24 -10.43 2.23 -13.70
C LEU A 24 -9.15 1.64 -14.26
N ALA A 25 -8.04 1.99 -13.61
CA ALA A 25 -6.73 1.45 -13.94
C ALA A 25 -6.04 0.80 -12.73
N SER A 26 -6.80 0.47 -11.69
CA SER A 26 -6.25 -0.14 -10.46
C SER A 26 -7.00 -1.43 -10.15
N ARG A 27 -6.35 -2.38 -9.47
CA ARG A 27 -7.00 -3.62 -9.05
C ARG A 27 -8.18 -3.33 -8.11
N ASN A 28 -8.10 -2.27 -7.30
CA ASN A 28 -9.26 -1.74 -6.60
C ASN A 28 -9.95 -2.79 -5.72
N SER A 29 -9.12 -3.60 -5.06
CA SER A 29 -9.60 -4.69 -4.23
C SER A 29 -10.10 -4.16 -2.88
N VAL A 30 -10.79 -5.05 -2.19
CA VAL A 30 -11.30 -4.79 -0.87
C VAL A 30 -10.14 -4.47 0.13
N PHE A 31 -8.97 -5.03 -0.12
CA PHE A 31 -7.80 -4.78 0.73
C PHE A 31 -7.38 -3.31 0.65
N THR A 32 -7.20 -2.79 -0.56
CA THR A 32 -6.74 -1.40 -0.70
C THR A 32 -7.87 -0.37 -0.40
N ARG A 33 -9.12 -0.80 -0.58
CA ARG A 33 -10.26 0.05 -0.31
C ARG A 33 -10.55 0.16 1.17
N SER A 34 -10.25 -0.87 1.94
CA SER A 34 -10.74 -0.98 3.32
C SER A 34 -9.85 -0.30 4.34
N GLY A 35 -8.66 0.11 3.94
CA GLY A 35 -7.74 0.74 4.87
C GLY A 35 -6.26 0.54 4.55
N ALA A 36 -5.47 0.43 5.61
CA ALA A 36 -4.02 0.37 5.57
C ALA A 36 -3.52 -1.07 5.40
N GLY A 37 -2.20 -1.25 5.40
CA GLY A 37 -1.61 -2.58 5.25
C GLY A 37 -1.90 -3.49 6.44
N PRO A 38 -1.63 -4.79 6.27
CA PRO A 38 -1.94 -5.74 7.33
C PRO A 38 -0.87 -5.72 8.44
N ARG A 39 -1.21 -6.22 9.61
CA ARG A 39 -0.24 -6.47 10.66
C ARG A 39 0.21 -7.92 10.59
N TYR A 40 1.51 -8.15 10.54
CA TYR A 40 2.05 -9.50 10.51
C TYR A 40 3.43 -9.64 11.12
N TRP A 41 3.85 -10.89 11.25
CA TRP A 41 5.22 -11.26 11.59
C TRP A 41 5.83 -12.03 10.44
N ASN A 42 7.12 -11.82 10.21
CA ASN A 42 7.84 -12.49 9.15
C ASN A 42 9.15 -13.10 9.68
N ILE A 43 9.53 -14.25 9.13
CA ILE A 43 10.72 -15.01 9.55
C ILE A 43 12.08 -14.35 9.20
N TYR A 44 12.07 -13.17 8.59
CA TYR A 44 13.29 -12.51 8.13
C TYR A 44 14.32 -12.31 9.23
N GLY A 45 13.86 -12.07 10.46
CA GLY A 45 14.77 -11.84 11.58
C GLY A 45 15.61 -13.05 11.94
N TYR A 46 15.09 -14.22 11.65
CA TYR A 46 15.87 -15.43 11.75
C TYR A 46 16.67 -15.61 10.49
N SER A 47 16.01 -15.61 9.34
CA SER A 47 16.63 -16.13 8.10
C SER A 47 17.66 -15.19 7.47
N PHE A 48 17.46 -13.88 7.58
CA PHE A 48 18.45 -12.95 7.06
C PHE A 48 19.83 -13.07 7.76
N PRO A 49 19.87 -12.96 9.10
CA PRO A 49 21.23 -13.07 9.72
C PRO A 49 21.83 -14.47 9.64
N HIS A 50 21.00 -15.50 9.71
CA HIS A 50 21.47 -16.89 9.49
C HIS A 50 21.76 -17.23 8.02
N ASN A 51 21.30 -16.40 7.10
CA ASN A 51 21.31 -16.70 5.66
C ASN A 51 20.85 -18.12 5.43
N ALA A 52 19.70 -18.48 5.97
CA ALA A 52 19.25 -19.87 5.88
C ALA A 52 17.76 -19.96 6.16
N PRO A 53 17.11 -21.03 5.61
CA PRO A 53 15.71 -21.20 5.89
C PRO A 53 15.44 -21.41 7.37
N ILE A 54 14.30 -20.91 7.86
CA ILE A 54 13.98 -21.07 9.28
C ILE A 54 13.67 -22.56 9.54
N PRO A 55 14.35 -23.17 10.55
CA PRO A 55 13.98 -24.53 10.95
C PRO A 55 12.55 -24.57 11.49
N GLU A 56 11.89 -25.72 11.32
CA GLU A 56 10.48 -25.83 11.68
C GLU A 56 10.22 -25.53 13.15
N ASN A 57 11.10 -26.01 14.02
CA ASN A 57 10.95 -25.75 15.46
C ASN A 57 10.98 -24.26 15.80
N GLU A 58 11.91 -23.52 15.19
CA GLU A 58 12.03 -22.08 15.40
C GLU A 58 10.80 -21.32 14.90
N TRP A 59 10.25 -21.78 13.78
CA TRP A 59 8.95 -21.34 13.27
C TRP A 59 7.87 -21.55 14.34
N LYS A 60 7.82 -22.77 14.90
CA LYS A 60 6.84 -23.09 15.94
C LYS A 60 6.97 -22.20 17.19
N VAL A 61 8.20 -22.05 17.68
CA VAL A 61 8.45 -21.27 18.92
C VAL A 61 8.06 -19.81 18.67
N ASN A 62 8.40 -19.30 17.49
CA ASN A 62 7.99 -17.95 17.15
C ASN A 62 6.48 -17.79 17.10
N ILE A 63 5.80 -18.75 16.49
CA ILE A 63 4.35 -18.69 16.41
C ILE A 63 3.71 -18.69 17.80
N ASP A 64 4.21 -19.57 18.67
CA ASP A 64 3.69 -19.67 20.04
C ASP A 64 3.91 -18.36 20.79
N TRP A 65 5.07 -17.74 20.62
CA TRP A 65 5.35 -16.42 21.20
C TRP A 65 4.40 -15.34 20.68
N LEU A 66 4.17 -15.34 19.36
CA LEU A 66 3.22 -14.41 18.74
C LEU A 66 1.83 -14.59 19.33
N ALA A 67 1.40 -15.84 19.39
CA ALA A 67 0.10 -16.19 19.95
C ALA A 67 -0.15 -15.59 21.33
N GLY A 68 0.85 -15.67 22.20
CA GLY A 68 0.74 -15.14 23.56
C GLY A 68 1.01 -13.65 23.72
N ASN A 69 1.66 -12.99 22.77
CA ASN A 69 2.20 -11.64 23.01
C ASN A 69 1.80 -10.52 22.05
N PHE A 70 1.47 -10.88 20.81
CA PHE A 70 1.22 -9.91 19.73
C PHE A 70 -0.04 -10.18 18.91
N ALA A 71 -0.49 -11.43 18.86
CA ALA A 71 -1.75 -11.74 18.19
C ALA A 71 -2.89 -10.92 18.76
N ASP A 72 -2.87 -10.68 20.07
CA ASP A 72 -3.91 -9.83 20.71
C ASP A 72 -3.87 -8.35 20.30
N PHE A 73 -2.76 -7.90 19.68
CA PHE A 73 -2.66 -6.54 19.18
C PHE A 73 -2.82 -6.55 17.66
N GLY A 74 -3.41 -7.63 17.15
CA GLY A 74 -3.76 -7.75 15.73
C GLY A 74 -2.66 -8.29 14.82
N TYR A 75 -1.50 -8.65 15.37
CA TYR A 75 -0.45 -9.21 14.52
C TYR A 75 -0.74 -10.71 14.39
N ASP A 76 -1.69 -11.04 13.55
CA ASP A 76 -2.19 -12.39 13.57
C ASP A 76 -1.91 -13.17 12.29
N ILE A 77 -1.01 -12.65 11.47
CA ILE A 77 -0.46 -13.42 10.36
C ILE A 77 0.99 -13.73 10.68
N ALA A 78 1.36 -15.01 10.62
CA ALA A 78 2.76 -15.41 10.58
C ALA A 78 3.11 -15.76 9.15
N CYS A 79 4.15 -15.12 8.63
CA CYS A 79 4.47 -15.08 7.22
C CYS A 79 5.85 -15.66 6.98
N THR A 80 5.94 -16.67 6.12
CA THR A 80 7.22 -17.18 5.68
C THR A 80 7.89 -16.15 4.72
N ASP A 81 9.15 -16.38 4.39
CA ASP A 81 9.90 -15.51 3.51
C ASP A 81 10.72 -16.36 2.53
N GLY A 82 11.89 -15.88 2.12
CA GLY A 82 12.69 -16.51 1.10
C GLY A 82 13.45 -17.70 1.64
N TRP A 83 14.61 -17.95 1.06
CA TRP A 83 15.40 -19.17 1.31
C TRP A 83 14.56 -20.40 0.98
N ILE A 84 13.85 -20.35 -0.16
CA ILE A 84 12.94 -21.43 -0.53
C ILE A 84 13.49 -22.39 -1.59
N GLU A 85 14.77 -22.26 -1.95
CA GLU A 85 15.35 -23.18 -2.93
C GLU A 85 15.29 -24.62 -2.46
N GLY A 86 15.37 -24.81 -1.15
CA GLY A 86 15.33 -26.13 -0.52
C GLY A 86 13.93 -26.63 -0.21
N SER A 87 12.92 -25.96 -0.75
CA SER A 87 11.54 -26.48 -0.73
C SER A 87 11.31 -27.12 -2.09
N SER A 88 11.63 -28.41 -2.17
CA SER A 88 11.59 -29.16 -3.44
C SER A 88 10.42 -30.14 -3.56
N ARG A 89 9.89 -30.65 -2.46
CA ARG A 89 8.71 -31.54 -2.52
C ARG A 89 7.48 -30.79 -3.06
N THR A 90 6.77 -31.42 -4.00
CA THR A 90 5.59 -30.78 -4.58
C THR A 90 4.40 -31.73 -4.64
N THR A 91 3.20 -31.17 -4.85
CA THR A 91 2.05 -32.00 -5.13
C THR A 91 2.24 -32.66 -6.49
N GLY A 92 1.27 -33.50 -6.83
CA GLY A 92 1.16 -34.04 -8.19
C GLY A 92 1.06 -32.99 -9.29
N ASN A 93 0.78 -31.73 -8.95
CA ASN A 93 0.74 -30.67 -9.95
C ASN A 93 1.87 -29.64 -9.79
N GLY A 94 2.89 -30.00 -9.04
CA GLY A 94 4.12 -29.21 -8.89
C GLY A 94 4.09 -28.03 -7.91
N TYR A 95 3.13 -28.00 -6.99
CA TYR A 95 3.05 -26.93 -5.99
C TYR A 95 3.74 -27.40 -4.71
N ILE A 96 4.60 -26.55 -4.15
CA ILE A 96 5.33 -26.92 -2.93
C ILE A 96 4.42 -27.29 -1.76
N THR A 97 4.77 -28.37 -1.09
CA THR A 97 3.96 -28.91 -0.04
C THR A 97 4.32 -28.31 1.31
N SER A 98 5.52 -27.73 1.46
CA SER A 98 5.91 -27.09 2.71
C SER A 98 6.90 -25.95 2.46
N TYR A 99 7.36 -25.33 3.56
CA TYR A 99 8.35 -24.25 3.47
C TYR A 99 9.76 -24.76 3.13
N ASN A 100 10.12 -25.93 3.65
CA ASN A 100 11.45 -26.50 3.44
C ASN A 100 11.36 -28.03 3.52
N ASP A 101 12.23 -28.72 2.80
CA ASP A 101 12.23 -30.18 2.82
C ASP A 101 12.56 -30.76 4.20
N SER A 102 13.20 -29.99 5.08
CA SER A 102 13.44 -30.43 6.46
C SER A 102 12.19 -30.47 7.34
N TRP A 103 11.12 -29.75 6.97
CA TRP A 103 9.90 -29.68 7.76
C TRP A 103 9.12 -31.00 7.74
N GLN A 104 8.63 -31.41 8.90
CA GLN A 104 7.84 -32.63 9.05
C GLN A 104 6.39 -32.39 8.65
N HIS A 105 5.95 -31.13 8.66
CA HIS A 105 4.54 -30.83 8.41
C HIS A 105 4.37 -29.93 7.22
N ASP A 106 3.25 -30.10 6.53
CA ASP A 106 2.92 -29.36 5.33
C ASP A 106 2.22 -28.03 5.64
N TRP A 107 1.87 -27.30 4.59
CA TRP A 107 1.30 -25.98 4.74
C TRP A 107 -0.03 -26.05 5.50
N ALA A 108 -0.89 -27.01 5.12
CA ALA A 108 -2.18 -27.22 5.79
C ALA A 108 -2.04 -27.40 7.29
N TYR A 109 -1.11 -28.24 7.73
CA TYR A 109 -0.85 -28.44 9.15
C TYR A 109 -0.53 -27.13 9.88
N TRP A 110 0.30 -26.29 9.25
CA TRP A 110 0.68 -25.04 9.89
C TRP A 110 -0.43 -24.00 9.89
N ALA A 111 -1.21 -23.95 8.81
CA ALA A 111 -2.32 -23.02 8.74
C ALA A 111 -3.38 -23.34 9.82
N ASN A 112 -3.53 -24.62 10.15
CA ASN A 112 -4.46 -25.04 11.22
C ASN A 112 -3.88 -24.86 12.61
N TYR A 113 -2.58 -25.13 12.78
CA TYR A 113 -1.91 -24.85 14.04
C TYR A 113 -2.03 -23.35 14.33
N LEU A 114 -1.99 -22.54 13.27
CA LEU A 114 -2.17 -21.09 13.38
C LEU A 114 -3.63 -20.74 13.75
N ALA A 115 -4.58 -21.35 13.05
CA ALA A 115 -6.00 -21.20 13.39
C ALA A 115 -6.27 -21.52 14.86
N ALA A 116 -5.75 -22.64 15.36
CA ALA A 116 -5.91 -22.98 16.79
C ALA A 116 -5.47 -21.84 17.73
N ARG A 117 -4.61 -20.95 17.23
CA ARG A 117 -4.19 -19.79 18.00
C ARG A 117 -4.75 -18.46 17.47
N LYS A 118 -5.87 -18.52 16.76
CA LYS A 118 -6.52 -17.36 16.18
C LYS A 118 -5.59 -16.55 15.24
N MET A 119 -4.74 -17.26 14.50
CA MET A 119 -3.79 -16.64 13.55
C MET A 119 -3.96 -17.26 12.16
N LYS A 120 -3.26 -16.67 11.19
CA LYS A 120 -3.34 -17.10 9.82
C LYS A 120 -1.95 -17.16 9.21
N LEU A 121 -1.84 -17.95 8.14
CA LEU A 121 -0.58 -18.21 7.48
C LEU A 121 -0.36 -17.23 6.34
N GLY A 122 0.80 -16.59 6.34
CA GLY A 122 1.22 -15.78 5.20
C GLY A 122 2.30 -16.49 4.45
N VAL A 123 2.30 -16.40 3.12
CA VAL A 123 3.27 -17.16 2.32
C VAL A 123 4.05 -16.25 1.38
N TYR A 124 5.36 -16.48 1.34
CA TYR A 124 6.25 -15.89 0.33
C TYR A 124 6.46 -16.93 -0.74
N TYR A 125 5.96 -16.65 -1.92
CA TYR A 125 6.28 -17.47 -3.10
C TYR A 125 5.88 -16.77 -4.35
N ASN A 126 6.58 -17.10 -5.43
CA ASN A 126 6.30 -16.57 -6.73
C ASN A 126 5.72 -17.67 -7.59
N PRO A 127 4.48 -17.52 -8.09
CA PRO A 127 3.86 -18.67 -8.80
C PRO A 127 4.41 -18.90 -10.22
N LEU A 128 5.38 -18.06 -10.62
CA LEU A 128 6.13 -18.29 -11.85
C LEU A 128 7.41 -19.09 -11.64
N TRP A 129 7.71 -19.51 -10.39
CA TRP A 129 8.79 -20.42 -10.15
C TRP A 129 8.28 -21.84 -10.37
N VAL A 130 9.08 -22.64 -11.03
CA VAL A 130 8.80 -24.05 -11.24
C VAL A 130 10.04 -24.77 -10.73
N HIS A 131 9.87 -25.61 -9.73
CA HIS A 131 11.06 -26.22 -9.13
C HIS A 131 11.62 -27.29 -10.05
N ARG A 132 12.94 -27.35 -10.08
CA ARG A 132 13.69 -28.31 -10.86
C ARG A 132 13.23 -29.75 -10.61
N ALA A 133 13.04 -30.09 -9.34
CA ALA A 133 12.53 -31.41 -8.95
C ALA A 133 11.15 -31.77 -9.54
N ALA A 134 10.27 -30.78 -9.70
CA ALA A 134 8.99 -31.02 -10.33
C ALA A 134 9.18 -31.25 -11.82
N VAL A 135 10.03 -30.44 -12.44
CA VAL A 135 10.41 -30.61 -13.85
C VAL A 135 10.99 -32.00 -14.14
N GLU A 136 11.81 -32.51 -13.23
CA GLU A 136 12.48 -33.80 -13.37
C GLU A 136 11.60 -35.02 -13.10
N ASP A 137 10.43 -34.80 -12.49
CA ASP A 137 9.45 -35.87 -12.32
C ASP A 137 8.37 -35.77 -13.39
N ALA A 138 8.55 -36.57 -14.43
CA ALA A 138 7.61 -36.60 -15.57
C ALA A 138 6.16 -36.99 -15.23
N SER A 139 5.91 -37.59 -14.07
CA SER A 139 4.54 -37.90 -13.64
C SER A 139 3.71 -36.67 -13.22
N LYS A 140 4.38 -35.57 -12.88
CA LYS A 140 3.66 -34.37 -12.41
C LYS A 140 3.11 -33.60 -13.59
N THR A 141 1.86 -33.16 -13.49
CA THR A 141 1.22 -32.44 -14.58
C THR A 141 0.43 -31.23 -14.09
N VAL A 142 0.08 -30.34 -15.00
CA VAL A 142 -0.56 -29.08 -14.64
C VAL A 142 -1.97 -29.38 -14.13
N LEU A 143 -2.31 -28.81 -12.98
CA LEU A 143 -3.67 -28.90 -12.46
C LEU A 143 -4.70 -28.61 -13.55
N GLY A 144 -5.58 -29.56 -13.80
CA GLY A 144 -6.66 -29.40 -14.78
C GLY A 144 -6.21 -29.57 -16.22
N ARG A 145 -4.92 -29.91 -16.41
CA ARG A 145 -4.35 -30.05 -17.74
C ARG A 145 -3.39 -31.25 -17.74
N PRO A 146 -3.95 -32.45 -17.57
CA PRO A 146 -3.10 -33.64 -17.55
C PRO A 146 -2.25 -33.84 -18.80
N ASP A 147 -2.57 -33.13 -19.88
CA ASP A 147 -1.78 -33.16 -21.11
C ASP A 147 -0.45 -32.40 -21.02
N VAL A 148 -0.28 -31.56 -19.99
CA VAL A 148 0.91 -30.74 -19.85
C VAL A 148 1.75 -31.19 -18.65
N LYS A 149 2.88 -31.82 -18.93
CA LYS A 149 3.80 -32.18 -17.84
C LYS A 149 4.38 -30.89 -17.33
N ILE A 150 4.77 -30.87 -16.06
CA ILE A 150 5.44 -29.72 -15.48
C ILE A 150 6.72 -29.43 -16.27
N ALA A 151 7.37 -30.49 -16.78
CA ALA A 151 8.57 -30.34 -17.61
C ALA A 151 8.33 -29.53 -18.87
N ASP A 152 7.10 -29.57 -19.41
CA ASP A 152 6.76 -28.83 -20.62
C ASP A 152 6.53 -27.34 -20.36
N LEU A 153 6.76 -26.85 -19.13
CA LEU A 153 6.49 -25.45 -18.82
C LEU A 153 7.70 -24.52 -18.87
N VAL A 154 8.88 -25.06 -19.14
CA VAL A 154 10.10 -24.30 -18.98
C VAL A 154 11.00 -24.46 -20.20
N VAL A 155 11.81 -23.43 -20.45
CA VAL A 155 12.87 -23.47 -21.45
C VAL A 155 14.09 -24.06 -20.79
N PRO A 156 14.70 -25.11 -21.40
CA PRO A 156 15.90 -25.65 -20.77
C PRO A 156 16.91 -24.56 -20.45
N GLY A 157 17.53 -24.66 -19.29
CA GLY A 157 18.51 -23.70 -18.83
C GLY A 157 17.98 -22.39 -18.24
N ASP A 158 16.67 -22.18 -18.28
CA ASP A 158 16.08 -20.88 -17.91
C ASP A 158 15.84 -20.85 -16.41
N PHE A 159 16.94 -20.87 -15.67
CA PHE A 159 16.89 -20.80 -14.22
C PHE A 159 16.80 -19.38 -13.67
N PHE A 160 15.97 -19.24 -12.64
CA PHE A 160 15.99 -18.08 -11.77
C PHE A 160 17.41 -17.88 -11.26
N ALA A 161 17.94 -16.67 -11.38
CA ALA A 161 19.26 -16.34 -10.84
C ALA A 161 20.39 -17.16 -11.47
N ARG A 162 20.16 -17.65 -12.69
CA ARG A 162 21.11 -18.43 -13.47
C ARG A 162 22.52 -17.87 -13.42
N ASP A 163 22.62 -16.59 -13.69
CA ASP A 163 23.92 -15.95 -13.90
C ASP A 163 24.70 -15.82 -12.61
N ILE A 164 24.03 -15.95 -11.46
CA ILE A 164 24.72 -15.89 -10.20
C ILE A 164 24.70 -17.22 -9.47
N GLY A 165 24.56 -18.33 -10.23
CA GLY A 165 24.63 -19.66 -9.64
C GLY A 165 23.31 -20.36 -9.38
N GLY A 166 22.18 -19.70 -9.62
CA GLY A 166 20.89 -20.34 -9.35
C GLY A 166 20.68 -21.54 -10.27
N ASN A 167 20.27 -22.66 -9.69
CA ASN A 167 19.99 -23.84 -10.49
C ASN A 167 18.93 -24.74 -9.89
N GLN A 168 18.07 -24.22 -9.01
CA GLN A 168 17.03 -25.04 -8.37
C GLN A 168 15.61 -24.67 -8.81
N LEU A 169 15.41 -23.40 -9.18
CA LEU A 169 14.14 -22.89 -9.65
C LEU A 169 14.23 -22.45 -11.09
N TYR A 170 13.33 -22.95 -11.94
CA TYR A 170 13.11 -22.36 -13.27
C TYR A 170 12.17 -21.16 -13.21
N TRP A 171 12.33 -20.25 -14.15
CA TRP A 171 11.25 -19.33 -14.49
C TRP A 171 10.31 -20.00 -15.48
N LEU A 172 9.01 -19.91 -15.18
CA LEU A 172 7.97 -20.39 -16.06
C LEU A 172 8.05 -19.68 -17.40
N ASP A 173 7.84 -20.42 -18.50
CA ASP A 173 7.64 -19.81 -19.81
C ASP A 173 6.13 -19.63 -20.03
N VAL A 174 5.67 -18.39 -19.86
CA VAL A 174 4.25 -18.07 -19.92
C VAL A 174 3.65 -18.22 -21.33
N THR A 175 4.49 -18.41 -22.35
CA THR A 175 3.98 -18.70 -23.68
C THR A 175 3.68 -20.18 -23.91
N LYS A 176 4.02 -21.03 -22.96
CA LYS A 176 3.80 -22.46 -23.11
C LYS A 176 2.37 -22.80 -22.74
N SER A 177 1.78 -23.79 -23.40
CA SER A 177 0.42 -24.25 -23.08
C SER A 177 0.41 -24.84 -21.68
N GLY A 178 -0.65 -24.52 -20.92
CA GLY A 178 -0.70 -24.92 -19.50
C GLY A 178 -0.21 -23.86 -18.51
N ALA A 179 0.50 -22.83 -18.99
CA ALA A 179 1.07 -21.85 -18.07
C ALA A 179 0.02 -21.11 -17.23
N LYS A 180 -1.05 -20.65 -17.84
CA LYS A 180 -2.07 -19.91 -17.10
C LYS A 180 -2.67 -20.78 -15.99
N GLU A 181 -2.92 -22.04 -16.32
CA GLU A 181 -3.57 -22.95 -15.41
C GLU A 181 -2.62 -23.24 -14.25
N TYR A 182 -1.33 -23.33 -14.57
CA TYR A 182 -0.31 -23.56 -13.57
C TYR A 182 -0.24 -22.41 -12.59
N VAL A 183 -0.08 -21.21 -13.11
CA VAL A 183 0.03 -20.01 -12.28
C VAL A 183 -1.22 -19.79 -11.44
N GLN A 184 -2.37 -19.83 -12.08
CA GLN A 184 -3.61 -19.58 -11.37
C GLN A 184 -3.89 -20.68 -10.35
N GLY A 185 -3.62 -21.93 -10.73
CA GLY A 185 -3.73 -23.04 -9.76
C GLY A 185 -2.80 -22.85 -8.53
N TYR A 186 -1.61 -22.28 -8.73
CA TYR A 186 -0.65 -22.07 -7.64
C TYR A 186 -1.13 -20.96 -6.68
N VAL A 187 -1.67 -19.90 -7.26
CA VAL A 187 -2.23 -18.82 -6.47
C VAL A 187 -3.45 -19.32 -5.65
N ARG A 188 -4.33 -20.09 -6.27
CA ARG A 188 -5.52 -20.60 -5.55
C ARG A 188 -5.17 -21.71 -4.55
N TYR A 189 -4.09 -22.40 -4.82
CA TYR A 189 -3.56 -23.45 -3.92
C TYR A 189 -3.29 -22.84 -2.54
N PHE A 190 -2.59 -21.73 -2.51
CA PHE A 190 -2.32 -21.05 -1.24
C PHE A 190 -3.59 -20.40 -0.69
N LYS A 191 -4.36 -19.72 -1.55
CA LYS A 191 -5.60 -19.03 -1.13
C LYS A 191 -6.57 -20.01 -0.46
N ASP A 192 -6.74 -21.18 -1.08
CA ASP A 192 -7.62 -22.21 -0.58
C ASP A 192 -7.11 -22.78 0.74
N LEU A 193 -5.80 -22.87 0.91
CA LEU A 193 -5.20 -23.31 2.18
C LEU A 193 -5.47 -22.42 3.37
N GLY A 194 -6.03 -21.22 3.14
CA GLY A 194 -6.36 -20.27 4.21
C GLY A 194 -5.44 -19.05 4.27
N VAL A 195 -4.67 -18.81 3.20
CA VAL A 195 -3.67 -17.73 3.17
C VAL A 195 -4.30 -16.42 2.76
N PRO A 196 -4.28 -15.41 3.66
CA PRO A 196 -4.84 -14.12 3.25
C PRO A 196 -3.81 -13.16 2.60
N TYR A 197 -2.57 -13.59 2.48
CA TYR A 197 -1.45 -12.70 2.11
C TYR A 197 -0.33 -13.49 1.38
N LEU A 198 -0.10 -13.15 0.10
CA LEU A 198 0.90 -13.82 -0.73
C LEU A 198 1.91 -12.78 -1.17
N ARG A 199 3.16 -13.02 -0.80
CA ARG A 199 4.24 -12.08 -0.96
C ARG A 199 5.10 -12.57 -2.11
N ILE A 200 5.00 -11.86 -3.23
CA ILE A 200 5.53 -12.29 -4.52
C ILE A 200 6.77 -11.46 -4.90
N ASP A 201 7.92 -12.09 -4.92
CA ASP A 201 9.17 -11.39 -5.08
C ASP A 201 9.85 -11.84 -6.37
N PHE A 202 10.87 -11.08 -6.79
CA PHE A 202 11.76 -11.41 -7.92
C PHE A 202 11.13 -11.21 -9.31
N LEU A 203 10.02 -10.48 -9.42
CA LEU A 203 9.43 -10.31 -10.77
C LEU A 203 10.19 -9.34 -11.66
N SER A 204 11.02 -8.48 -11.08
CA SER A 204 11.86 -7.62 -11.89
C SER A 204 13.00 -8.47 -12.47
N TRP A 205 13.52 -9.42 -11.71
CA TRP A 205 14.53 -10.34 -12.24
C TRP A 205 13.90 -11.19 -13.34
N TYR A 206 12.68 -11.63 -13.12
CA TYR A 206 11.92 -12.31 -14.15
C TYR A 206 11.82 -11.46 -15.42
N GLU A 207 11.37 -10.21 -15.27
CA GLU A 207 11.01 -9.36 -16.39
C GLU A 207 12.22 -8.98 -17.26
N ASP A 208 13.26 -8.44 -16.65
CA ASP A 208 14.39 -8.00 -17.47
C ASP A 208 15.76 -8.62 -17.14
N GLY A 209 15.77 -9.64 -16.30
CA GLY A 209 16.96 -10.45 -16.07
C GLY A 209 18.17 -9.70 -15.54
N ARG A 210 17.94 -8.57 -14.87
CA ARG A 210 19.04 -7.73 -14.37
C ARG A 210 18.67 -7.09 -13.06
N ASP A 211 19.71 -6.67 -12.33
CA ASP A 211 19.54 -5.95 -11.06
C ASP A 211 20.64 -4.88 -10.99
N ALA A 212 20.22 -3.64 -10.71
CA ALA A 212 21.11 -2.50 -10.64
C ALA A 212 22.20 -2.63 -9.59
N ASN A 213 21.99 -3.46 -8.59
CA ASN A 213 22.99 -3.69 -7.55
C ASN A 213 23.89 -4.93 -7.80
N ILE A 214 23.71 -5.61 -8.93
CA ILE A 214 24.45 -6.85 -9.24
C ILE A 214 24.96 -6.90 -10.66
N GLY A 215 24.08 -6.70 -11.64
CA GLY A 215 24.40 -6.94 -13.03
C GLY A 215 23.35 -7.85 -13.63
N GLN A 216 23.76 -8.70 -14.58
CA GLN A 216 22.83 -9.67 -15.17
C GLN A 216 22.56 -10.76 -14.15
N VAL A 217 21.29 -11.15 -13.97
CA VAL A 217 20.96 -12.27 -13.07
C VAL A 217 20.39 -13.51 -13.79
N ASN A 218 19.58 -13.32 -14.84
CA ASN A 218 19.04 -14.45 -15.60
C ASN A 218 18.48 -13.99 -16.91
N ALA A 219 17.88 -14.90 -17.68
CA ALA A 219 17.28 -14.51 -18.95
C ALA A 219 16.10 -13.56 -18.72
N PRO A 220 15.98 -12.52 -19.57
CA PRO A 220 14.82 -11.62 -19.51
C PRO A 220 13.58 -12.28 -20.10
N HIS A 221 12.41 -11.91 -19.62
CA HIS A 221 11.17 -12.44 -20.18
C HIS A 221 10.24 -11.43 -20.79
N GLY A 222 10.49 -10.14 -20.55
CA GLY A 222 9.82 -9.06 -21.22
C GLY A 222 8.61 -8.51 -20.50
N ARG A 223 8.28 -7.27 -20.82
CA ARG A 223 7.18 -6.55 -20.17
C ARG A 223 5.81 -7.15 -20.46
N ALA A 224 5.59 -7.57 -21.70
CA ALA A 224 4.29 -8.13 -22.03
C ALA A 224 4.03 -9.38 -21.15
N ASN A 225 5.00 -10.28 -21.08
CA ASN A 225 4.87 -11.49 -20.25
C ASN A 225 4.67 -11.20 -18.76
N TYR A 226 5.38 -10.19 -18.29
CA TYR A 226 5.25 -9.70 -16.91
C TYR A 226 3.85 -9.19 -16.63
N GLU A 227 3.31 -8.36 -17.54
CA GLU A 227 1.98 -7.82 -17.35
C GLU A 227 0.91 -8.89 -17.45
N LEU A 228 1.12 -9.87 -18.32
CA LEU A 228 0.19 -10.99 -18.45
C LEU A 228 0.18 -11.85 -17.18
N ALA A 229 1.36 -12.20 -16.71
CA ALA A 229 1.52 -12.93 -15.45
C ALA A 229 0.83 -12.24 -14.28
N LEU A 230 1.03 -10.93 -14.17
CA LEU A 230 0.34 -10.17 -13.13
C LEU A 230 -1.19 -10.28 -13.26
N SER A 231 -1.72 -10.23 -14.50
CA SER A 231 -3.15 -10.29 -14.70
C SER A 231 -3.66 -11.64 -14.23
N TRP A 232 -2.94 -12.70 -14.56
CA TRP A 232 -3.30 -14.02 -14.06
C TRP A 232 -3.32 -14.07 -12.54
N ILE A 233 -2.29 -13.52 -11.91
CA ILE A 233 -2.21 -13.56 -10.42
C ILE A 233 -3.38 -12.80 -9.78
N ASN A 234 -3.61 -11.59 -10.27
CA ASN A 234 -4.70 -10.75 -9.83
C ASN A 234 -6.03 -11.50 -9.88
N GLU A 235 -6.33 -12.09 -11.04
CA GLU A 235 -7.61 -12.76 -11.22
C GLU A 235 -7.73 -13.96 -10.26
N ALA A 236 -6.67 -14.74 -10.17
CA ALA A 236 -6.60 -15.90 -9.29
C ALA A 236 -6.72 -15.56 -7.80
N ALA A 237 -6.15 -14.43 -7.39
CA ALA A 237 -6.18 -14.05 -5.95
C ALA A 237 -7.57 -13.55 -5.55
N GLY A 238 -8.22 -12.83 -6.45
CA GLY A 238 -9.57 -12.36 -6.23
C GLY A 238 -9.64 -11.40 -5.04
N GLU A 239 -10.76 -11.45 -4.31
CA GLU A 239 -10.96 -10.59 -3.16
C GLU A 239 -10.52 -11.28 -1.86
N ASP A 240 -10.12 -12.55 -1.93
CA ASP A 240 -9.82 -13.34 -0.73
C ASP A 240 -8.37 -13.26 -0.28
N MET A 241 -7.45 -13.01 -1.21
CA MET A 241 -6.02 -13.04 -0.88
C MET A 241 -5.35 -11.76 -1.35
N GLU A 242 -4.57 -11.16 -0.45
CA GLU A 242 -3.91 -9.89 -0.70
C GLU A 242 -2.61 -10.14 -1.46
N VAL A 243 -2.33 -9.31 -2.47
CA VAL A 243 -1.23 -9.53 -3.39
C VAL A 243 -0.16 -8.48 -3.12
N SER A 244 0.95 -8.94 -2.55
CA SER A 244 2.11 -8.12 -2.25
C SER A 244 3.18 -8.34 -3.32
N LEU A 245 3.63 -7.27 -3.94
CA LEU A 245 4.66 -7.34 -4.97
C LEU A 245 5.92 -6.80 -4.36
N VAL A 246 6.92 -7.64 -4.24
CA VAL A 246 8.10 -7.33 -3.43
C VAL A 246 9.26 -6.75 -4.27
N PRO A 248 8.95 -4.79 -7.59
CA PRO A 248 8.32 -4.13 -8.72
C PRO A 248 9.28 -3.18 -9.44
N HIS A 249 9.36 -3.29 -10.77
CA HIS A 249 10.17 -2.34 -11.55
C HIS A 249 9.41 -0.99 -11.61
N MET A 250 8.10 -1.04 -11.44
CA MET A 250 7.26 0.16 -11.42
C MET A 250 7.31 0.96 -12.74
N PHE A 251 7.46 0.26 -13.86
CA PHE A 251 7.43 0.90 -15.21
C PHE A 251 6.22 1.78 -15.34
N GLN A 252 6.36 2.91 -16.03
CA GLN A 252 5.22 3.79 -16.35
C GLN A 252 4.45 4.22 -15.10
N ASP A 253 5.19 4.71 -14.11
CA ASP A 253 4.55 5.23 -12.89
C ASP A 253 3.77 4.13 -12.18
N GLY A 254 4.30 2.91 -12.23
CA GLY A 254 3.70 1.76 -11.58
C GLY A 254 2.41 1.26 -12.17
N SER A 255 2.22 1.36 -13.49
CA SER A 255 0.90 1.04 -14.03
C SER A 255 0.49 -0.43 -13.91
N ALA A 256 1.37 -1.36 -14.24
CA ALA A 256 1.04 -2.78 -14.18
C ALA A 256 0.79 -3.23 -12.73
N GLU A 257 1.62 -2.72 -11.82
CA GLU A 257 1.53 -3.08 -10.40
C GLU A 257 0.24 -2.53 -9.80
N LEU A 258 -0.10 -1.28 -10.14
CA LEU A 258 -1.34 -0.68 -9.68
C LEU A 258 -2.58 -1.45 -10.20
N ALA A 259 -2.52 -1.87 -11.46
CA ALA A 259 -3.62 -2.58 -12.11
C ALA A 259 -3.87 -3.98 -11.54
N ASN A 260 -2.83 -4.59 -10.96
CA ASN A 260 -2.85 -6.00 -10.62
C ASN A 260 -2.45 -6.39 -9.18
N GLY A 261 -1.97 -5.44 -8.38
CA GLY A 261 -1.50 -5.75 -7.04
C GLY A 261 -2.16 -4.91 -5.96
N ASP A 262 -1.94 -5.28 -4.70
CA ASP A 262 -2.41 -4.49 -3.56
C ASP A 262 -1.30 -3.72 -2.87
N LEU A 263 -0.15 -4.38 -2.67
CA LEU A 263 1.01 -3.74 -2.03
C LEU A 263 2.19 -3.72 -2.99
N VAL A 264 2.99 -2.65 -2.92
CA VAL A 264 4.33 -2.62 -3.57
C VAL A 264 5.42 -2.16 -2.58
N ARG A 265 6.54 -2.86 -2.60
CA ARG A 265 7.72 -2.43 -1.84
C ARG A 265 8.25 -1.12 -2.43
N ILE A 266 8.58 -0.17 -1.56
CA ILE A 266 9.04 1.14 -1.98
C ILE A 266 10.48 1.45 -1.56
N ASN A 267 11.19 0.42 -1.05
CA ASN A 267 12.55 0.51 -0.50
C ASN A 267 13.41 -0.74 -0.72
N ALA A 268 14.73 -0.55 -0.66
CA ALA A 268 15.67 -1.66 -0.54
C ALA A 268 15.31 -2.46 0.73
N ASP A 269 15.74 -3.72 0.76
CA ASP A 269 15.46 -4.62 1.86
C ASP A 269 15.86 -4.04 3.21
N ALA A 270 15.12 -4.39 4.27
CA ALA A 270 15.53 -4.04 5.64
C ALA A 270 16.96 -4.46 5.95
N ASP A 271 17.39 -5.64 5.49
CA ASP A 271 18.78 -6.04 5.62
C ASP A 271 19.15 -6.02 7.13
N LYS A 272 20.33 -5.53 7.48
CA LYS A 272 20.76 -5.43 8.88
C LYS A 272 19.98 -4.37 9.70
N GLY A 273 19.08 -3.65 9.04
CA GLY A 273 18.17 -2.75 9.75
C GLY A 273 18.83 -1.46 10.16
N GLY A 274 18.32 -0.86 11.21
CA GLY A 274 18.90 0.38 11.74
C GLY A 274 18.62 1.61 10.93
N TRP A 275 19.10 2.73 11.42
CA TRP A 275 18.84 4.03 10.80
C TRP A 275 19.25 4.13 9.34
N ASP A 276 20.40 3.53 8.99
CA ASP A 276 20.91 3.69 7.63
C ASP A 276 20.00 3.08 6.57
N ARG A 277 19.39 1.94 6.90
CA ARG A 277 18.41 1.32 6.04
C ARG A 277 17.08 2.07 6.02
N LEU A 278 16.70 2.62 7.15
CA LEU A 278 15.45 3.38 7.25
C LEU A 278 15.52 4.74 6.59
N SER A 279 16.70 5.37 6.63
CA SER A 279 16.78 6.77 6.23
C SER A 279 18.03 7.14 5.42
N GLY A 280 18.96 6.21 5.24
CA GLY A 280 20.21 6.50 4.53
C GLY A 280 20.38 5.86 3.17
N MET A 281 21.60 5.35 2.95
CA MET A 281 22.06 4.72 1.69
C MET A 281 22.24 5.71 0.53
N ARG A 282 21.14 6.22 0.05
CA ARG A 282 21.10 7.24 -0.99
C ARG A 282 19.70 7.84 -0.98
N GLN A 283 19.61 9.10 -1.38
CA GLN A 283 18.33 9.81 -1.37
C GLN A 283 17.73 9.97 -2.79
N ASN A 284 18.56 9.82 -3.81
CA ASN A 284 18.11 10.05 -5.17
C ASN A 284 17.25 8.91 -5.71
N TRP A 285 16.42 9.24 -6.69
CA TRP A 285 15.68 8.25 -7.49
C TRP A 285 16.56 7.62 -8.56
N GLN A 286 16.27 6.37 -8.92
CA GLN A 286 16.86 5.72 -10.09
C GLN A 286 15.75 5.01 -10.84
N ASP A 287 15.95 4.73 -12.12
CA ASP A 287 14.86 4.13 -12.89
C ASP A 287 14.69 2.61 -12.66
N ALA A 288 15.58 2.00 -11.88
CA ALA A 288 15.60 0.54 -11.70
C ALA A 288 15.14 0.19 -10.30
N TRP A 289 14.66 -1.04 -10.12
CA TRP A 289 14.30 -1.53 -8.78
C TRP A 289 15.50 -1.42 -7.82
N PRO A 290 15.29 -0.86 -6.61
CA PRO A 290 14.19 -0.08 -6.11
C PRO A 290 14.44 1.37 -6.49
N ASN A 291 13.39 2.08 -6.87
CA ASN A 291 13.56 3.44 -7.37
C ASN A 291 14.23 4.28 -6.29
N TRP A 292 13.71 4.14 -5.09
CA TRP A 292 14.31 4.77 -3.89
C TRP A 292 14.79 3.71 -2.94
N ALA A 293 15.85 4.02 -2.20
CA ALA A 293 16.52 3.01 -1.40
C ALA A 293 15.94 2.94 -0.01
N ASN A 294 15.70 4.10 0.61
CA ASN A 294 15.14 4.14 1.95
C ASN A 294 13.65 4.44 1.93
N PRO A 295 12.90 3.92 2.90
CA PRO A 295 11.46 4.13 2.92
C PRO A 295 10.96 5.58 3.20
N PHE A 296 11.71 6.44 3.87
CA PHE A 296 11.31 7.87 3.92
C PHE A 296 11.15 8.39 2.47
N CYS A 297 12.14 8.16 1.63
CA CYS A 297 12.08 8.60 0.24
C CYS A 297 11.11 7.81 -0.60
N GLY A 298 11.08 6.50 -0.40
CA GLY A 298 10.19 5.61 -1.11
C GLY A 298 8.72 5.85 -0.87
N PHE A 299 8.34 5.98 0.40
CA PHE A 299 6.96 6.32 0.76
C PHE A 299 6.56 7.69 0.21
N THR A 300 7.43 8.69 0.39
CA THR A 300 7.17 10.07 -0.13
C THR A 300 7.05 10.04 -1.66
N GLY A 301 8.00 9.35 -2.31
CA GLY A 301 8.05 9.32 -3.76
C GLY A 301 6.94 8.64 -4.49
N TRP A 302 6.42 7.57 -3.88
CA TRP A 302 5.30 6.80 -4.42
C TRP A 302 3.95 7.16 -3.80
N SER A 303 3.93 8.16 -2.91
CA SER A 303 2.70 8.55 -2.22
C SER A 303 1.55 8.99 -3.13
N HIS A 304 1.88 9.47 -4.32
CA HIS A 304 0.82 9.81 -5.32
C HIS A 304 0.01 8.61 -5.78
N ARG A 305 0.55 7.41 -5.58
CA ARG A 305 -0.13 6.16 -5.92
C ARG A 305 -0.84 5.45 -4.74
N ASN A 306 -0.85 6.06 -3.56
CA ASN A 306 -1.43 5.41 -2.39
C ASN A 306 -2.92 5.74 -2.21
N GLY A 307 -3.54 5.12 -1.24
CA GLY A 307 -4.90 5.49 -0.86
C GLY A 307 -5.95 4.49 -1.25
N ARG A 308 -7.17 4.72 -0.80
CA ARG A 308 -8.23 3.75 -0.94
C ARG A 308 -8.45 3.41 -2.43
N GLY A 309 -8.29 2.13 -2.73
CA GLY A 309 -8.46 1.59 -4.06
C GLY A 309 -7.26 1.68 -4.97
N GLN A 310 -6.22 2.41 -4.56
CA GLN A 310 -4.98 2.51 -5.33
C GLN A 310 -3.98 1.47 -4.80
N LEU A 311 -2.78 1.85 -4.35
CA LEU A 311 -1.85 0.88 -3.78
C LEU A 311 -1.59 1.17 -2.31
N ILE A 312 -1.31 0.11 -1.57
CA ILE A 312 -0.69 0.23 -0.25
C ILE A 312 0.84 0.15 -0.39
N LEU A 313 1.57 1.11 0.15
CA LEU A 313 3.01 1.14 0.01
C LEU A 313 3.65 0.32 1.14
N ASP A 314 4.61 -0.52 0.77
CA ASP A 314 5.18 -1.51 1.66
C ASP A 314 6.59 -1.07 2.01
N GLY A 315 6.79 -0.65 3.25
CA GLY A 315 8.13 -0.28 3.78
C GLY A 315 8.99 -1.45 4.27
N ASP A 316 8.50 -2.66 4.03
CA ASP A 316 9.24 -3.89 4.35
C ASP A 316 9.16 -4.26 5.83
N PHE A 317 10.26 -4.66 6.45
CA PHE A 317 10.22 -5.27 7.76
C PHE A 317 10.79 -4.38 8.86
N MET A 318 10.14 -4.42 10.02
CA MET A 318 10.62 -3.67 11.20
C MET A 318 11.48 -4.58 12.07
N ARG A 319 12.72 -4.16 12.27
CA ARG A 319 13.68 -4.90 13.07
C ARG A 319 14.09 -3.99 14.22
N ALA A 320 13.24 -3.97 15.25
CA ALA A 320 13.29 -2.98 16.34
C ALA A 320 14.63 -2.98 17.08
N SER A 321 15.08 -4.18 17.43
N SER A 321 15.13 -4.17 17.38
CA SER A 321 16.34 -4.25 18.17
C SER A 321 17.62 -4.04 17.30
C SER A 321 17.63 -4.01 17.32
N THR A 322 17.48 -3.77 16.01
CA THR A 322 18.59 -3.33 15.18
C THR A 322 18.86 -1.85 15.28
N PHE A 323 17.93 -1.09 15.85
CA PHE A 323 18.09 0.33 15.99
C PHE A 323 18.85 0.64 17.28
N ALA A 324 19.31 1.89 17.36
CA ALA A 324 20.26 2.32 18.35
C ALA A 324 19.58 2.93 19.57
N SER A 325 18.32 3.28 19.45
CA SER A 325 17.65 3.96 20.58
C SER A 325 16.17 3.73 20.54
N ASP A 326 15.52 4.02 21.66
CA ASP A 326 14.07 3.88 21.71
C ASP A 326 13.39 4.95 20.86
N GLU A 327 13.99 6.15 20.76
CA GLU A 327 13.46 7.21 19.87
C GLU A 327 13.52 6.79 18.40
N GLU A 328 14.60 6.14 18.00
CA GLU A 328 14.67 5.57 16.64
C GLU A 328 13.60 4.49 16.42
N ARG A 329 13.40 3.62 17.40
CA ARG A 329 12.35 2.58 17.29
C ARG A 329 10.95 3.19 17.10
N LYS A 330 10.62 4.20 17.88
CA LYS A 330 9.37 4.95 17.68
C LYS A 330 9.24 5.54 16.27
N THR A 331 10.33 6.13 15.78
CA THR A 331 10.36 6.69 14.46
C THR A 331 10.11 5.65 13.39
N MET A 332 10.74 4.49 13.52
CA MET A 332 10.52 3.39 12.60
C MET A 332 9.03 3.08 12.53
N MET A 333 8.42 2.84 13.69
CA MET A 333 6.99 2.52 13.75
C MET A 333 6.14 3.67 13.22
N ASN A 334 6.46 4.91 13.62
CA ASN A 334 5.64 6.04 13.23
C ASN A 334 5.59 6.22 11.73
N LEU A 335 6.71 5.98 11.07
CA LEU A 335 6.76 6.09 9.65
C LEU A 335 5.87 5.08 8.93
N MET A 336 5.97 3.79 9.27
CA MET A 336 5.12 2.77 8.67
C MET A 336 3.65 3.15 8.88
N VAL A 337 3.31 3.52 10.11
CA VAL A 337 1.90 3.90 10.41
C VAL A 337 1.47 5.13 9.60
N ALA A 338 2.30 6.16 9.55
CA ALA A 338 1.94 7.38 8.80
C ALA A 338 1.66 7.08 7.33
N ALA A 339 2.41 6.15 6.74
CA ALA A 339 2.30 5.87 5.32
C ALA A 339 1.24 4.83 4.98
N GLY A 340 0.59 4.28 5.99
CA GLY A 340 -0.44 3.29 5.75
C GLY A 340 0.14 1.93 5.39
N SER A 341 1.43 1.73 5.66
CA SER A 341 2.15 0.49 5.30
C SER A 341 1.68 -0.70 6.10
N PRO A 342 1.93 -1.92 5.61
CA PRO A 342 1.86 -3.07 6.49
C PRO A 342 2.77 -2.82 7.68
N LEU A 343 2.39 -3.35 8.83
CA LEU A 343 3.22 -3.32 10.03
C LEU A 343 3.72 -4.73 10.21
N ALA A 344 4.93 -4.95 9.75
CA ALA A 344 5.52 -6.29 9.72
C ALA A 344 6.68 -6.41 10.69
N ILE A 345 6.45 -7.15 11.77
CA ILE A 345 7.47 -7.42 12.78
C ILE A 345 8.41 -8.51 12.27
N ALA A 346 9.73 -8.26 12.31
CA ALA A 346 10.71 -9.24 11.93
C ALA A 346 11.58 -9.65 13.13
N ASP A 347 11.45 -8.96 14.26
CA ASP A 347 12.11 -9.43 15.50
C ASP A 347 11.64 -10.85 15.84
N THR A 348 12.59 -11.76 16.10
CA THR A 348 12.25 -13.05 16.67
C THR A 348 12.03 -12.94 18.17
N TYR A 349 11.54 -14.03 18.76
CA TYR A 349 11.39 -14.11 20.21
C TYR A 349 12.72 -13.93 20.94
N GLN A 350 13.85 -14.26 20.29
CA GLN A 350 15.18 -14.02 20.86
C GLN A 350 15.65 -12.58 20.71
N GLN A 351 15.21 -11.91 19.65
CA GLN A 351 15.61 -10.53 19.38
C GLN A 351 14.75 -9.44 20.03
N ILE A 352 13.51 -9.75 20.38
CA ILE A 352 12.58 -8.70 20.82
C ILE A 352 13.09 -7.97 22.08
N GLY A 353 13.74 -8.68 23.00
CA GLY A 353 14.23 -8.07 24.24
C GLY A 353 13.10 -7.33 24.93
N ASN A 354 13.35 -6.08 25.33
CA ASN A 354 12.33 -5.24 25.94
C ASN A 354 11.62 -4.33 24.95
N ASN A 355 11.51 -4.70 23.67
CA ASN A 355 10.96 -3.80 22.66
C ASN A 355 9.56 -4.11 22.12
N ALA A 356 8.84 -5.05 22.73
CA ALA A 356 7.42 -5.29 22.40
C ALA A 356 6.58 -4.02 22.34
N TRP A 357 6.81 -3.14 23.31
CA TRP A 357 6.07 -1.87 23.40
C TRP A 357 6.04 -1.05 22.12
N VAL A 358 7.08 -1.18 21.30
CA VAL A 358 7.19 -0.45 20.03
C VAL A 358 5.99 -0.72 19.13
N TYR A 359 5.58 -1.97 19.13
CA TYR A 359 4.57 -2.47 18.21
C TYR A 359 3.16 -2.45 18.79
N THR A 360 3.04 -2.16 20.08
CA THR A 360 1.77 -2.40 20.76
C THR A 360 1.20 -1.19 21.47
N ASN A 361 1.55 0.00 21.03
CA ASN A 361 0.89 1.22 21.51
C ASN A 361 -0.50 1.33 20.86
N LYS A 362 -1.53 1.17 21.68
CA LYS A 362 -2.89 1.01 21.17
C LYS A 362 -3.41 2.21 20.38
N GLU A 363 -3.04 3.41 20.81
CA GLU A 363 -3.46 4.61 20.13
C GLU A 363 -2.77 4.72 18.76
N VAL A 364 -1.49 4.35 18.69
CA VAL A 364 -0.79 4.36 17.41
C VAL A 364 -1.40 3.28 16.50
N LEU A 365 -1.66 2.08 17.05
CA LEU A 365 -2.27 1.02 16.28
C LEU A 365 -3.68 1.43 15.79
N GLN A 366 -4.37 2.23 16.58
CA GLN A 366 -5.71 2.65 16.22
C GLN A 366 -5.70 3.44 14.92
N LEU A 367 -4.61 4.17 14.62
CA LEU A 367 -4.48 4.85 13.35
C LEU A 367 -4.52 3.86 12.20
N ASN A 368 -3.76 2.78 12.35
CA ASN A 368 -3.76 1.73 11.33
C ASN A 368 -5.13 1.03 11.23
N ALA A 369 -5.74 0.73 12.38
CA ALA A 369 -7.08 0.12 12.41
C ALA A 369 -8.11 0.98 11.70
N ASP A 370 -8.06 2.30 11.92
CA ASP A 370 -9.06 3.20 11.33
C ASP A 370 -8.79 3.45 9.86
N GLY A 371 -7.65 2.97 9.38
CA GLY A 371 -7.34 3.06 7.96
C GLY A 371 -6.61 4.32 7.58
N LEU A 372 -5.68 4.77 8.43
CA LEU A 372 -4.87 5.93 8.06
C LEU A 372 -3.96 5.62 6.88
N VAL A 373 -4.02 6.46 5.84
CA VAL A 373 -3.03 6.43 4.76
C VAL A 373 -2.55 7.86 4.51
N GLY A 374 -1.42 8.23 5.08
CA GLY A 374 -0.97 9.60 5.01
C GLY A 374 -0.27 9.89 3.69
N LYS A 375 -0.14 11.19 3.43
CA LYS A 375 0.72 11.67 2.38
C LYS A 375 1.74 12.59 3.00
N PRO A 376 2.97 12.65 2.42
CA PRO A 376 3.87 13.71 2.79
C PRO A 376 3.28 15.05 2.42
N LEU A 377 3.68 16.12 3.09
CA LEU A 377 3.20 17.46 2.71
C LEU A 377 3.62 17.81 1.28
N TYR A 378 2.65 17.91 0.37
CA TYR A 378 2.96 18.26 -1.00
C TYR A 378 3.32 19.75 -1.11
N ARG A 379 4.44 20.02 -1.78
CA ARG A 379 4.98 21.36 -2.00
C ARG A 379 4.85 21.82 -3.46
N SER A 380 4.90 20.91 -4.43
CA SER A 380 4.65 21.25 -5.84
C SER A 380 4.09 20.05 -6.57
N ALA A 381 3.70 20.24 -7.85
CA ALA A 381 3.22 19.15 -8.71
C ALA A 381 4.32 18.23 -9.27
N THR A 382 5.56 18.71 -9.29
CA THR A 382 6.64 17.96 -9.94
C THR A 382 6.85 16.60 -9.28
N PRO A 383 6.98 15.54 -10.09
CA PRO A 383 7.26 14.23 -9.49
C PRO A 383 8.48 14.27 -8.58
N PHE A 384 8.36 13.62 -7.44
CA PHE A 384 9.45 13.58 -6.45
C PHE A 384 10.70 12.95 -7.05
N SER A 385 10.52 12.08 -8.05
CA SER A 385 11.61 11.45 -8.78
C SER A 385 12.47 12.46 -9.54
N LYS A 386 11.87 13.59 -9.92
CA LYS A 386 12.55 14.67 -10.64
C LYS A 386 12.98 15.81 -9.73
N ASP A 387 12.19 16.08 -8.69
CA ASP A 387 12.50 17.18 -7.77
C ASP A 387 12.22 16.76 -6.33
N PRO A 388 13.27 16.48 -5.54
CA PRO A 388 13.06 16.10 -4.14
C PRO A 388 12.48 17.21 -3.27
N GLY A 389 12.42 18.44 -3.77
CA GLY A 389 11.76 19.52 -3.03
C GLY A 389 10.26 19.50 -3.16
N SER A 390 9.72 18.62 -4.00
CA SER A 390 8.30 18.67 -4.30
C SER A 390 7.40 18.15 -3.21
N ARG A 391 7.93 17.36 -2.28
CA ARG A 391 7.16 16.77 -1.18
C ARG A 391 8.07 16.73 0.03
N ASP A 392 7.50 16.78 1.23
CA ASP A 392 8.31 16.83 2.47
C ASP A 392 8.30 15.45 3.14
N THR A 393 9.45 14.79 3.10
CA THR A 393 9.58 13.46 3.65
C THR A 393 9.38 13.44 5.16
N GLU A 394 9.48 14.61 5.80
CA GLU A 394 9.52 14.69 7.27
C GLU A 394 8.22 15.17 7.91
N ARG A 395 7.20 15.50 7.10
CA ARG A 395 5.90 15.86 7.64
C ARG A 395 4.80 15.18 6.87
N TRP A 396 3.96 14.43 7.60
CA TRP A 396 2.98 13.52 7.03
C TRP A 396 1.64 13.77 7.67
N ALA A 397 0.58 13.65 6.87
CA ALA A 397 -0.77 13.73 7.38
C ALA A 397 -1.69 12.94 6.51
N GLY A 398 -2.73 12.38 7.14
CA GLY A 398 -3.77 11.67 6.42
C GLY A 398 -5.04 11.72 7.22
N GLN A 399 -6.16 11.58 6.53
CA GLN A 399 -7.47 11.72 7.18
C GLN A 399 -8.15 10.37 7.34
N LEU A 400 -8.79 10.17 8.49
CA LEU A 400 -9.56 8.96 8.73
C LEU A 400 -10.97 9.20 8.19
N PRO A 401 -11.68 8.10 7.89
CA PRO A 401 -13.07 8.17 7.40
C PRO A 401 -14.02 9.09 8.21
N ASP A 402 -13.83 9.18 9.53
CA ASP A 402 -14.68 10.03 10.39
C ASP A 402 -14.24 11.48 10.38
N GLY A 403 -13.19 11.79 9.62
CA GLY A 403 -12.75 13.15 9.43
C GLY A 403 -11.66 13.60 10.38
N SER A 404 -11.35 12.78 11.38
CA SER A 404 -10.19 13.01 12.23
C SER A 404 -8.92 12.79 11.39
N TRP A 405 -7.75 13.09 11.97
CA TRP A 405 -6.49 13.01 11.24
C TRP A 405 -5.38 12.35 12.05
N GLY A 406 -4.45 11.75 11.32
CA GLY A 406 -3.17 11.35 11.86
C GLY A 406 -2.11 12.26 11.27
N VAL A 407 -1.33 12.85 12.15
CA VAL A 407 -0.29 13.79 11.74
C VAL A 407 1.01 13.31 12.35
N ALA A 408 2.05 13.20 11.52
CA ALA A 408 3.34 12.69 11.98
C ALA A 408 4.49 13.62 11.54
N LEU A 409 5.39 13.92 12.49
CA LEU A 409 6.52 14.80 12.26
C LEU A 409 7.83 14.08 12.60
N PHE A 410 8.84 14.25 11.75
CA PHE A 410 10.08 13.52 11.85
C PHE A 410 11.24 14.50 11.73
N ASN A 411 12.35 14.16 12.41
CA ASN A 411 13.61 14.83 12.26
C ASN A 411 14.66 13.85 11.86
N ARG A 412 14.96 13.86 10.57
CA ARG A 412 15.95 12.98 9.98
C ARG A 412 17.40 13.48 10.13
N SER A 413 17.62 14.62 10.77
CA SER A 413 18.97 15.11 11.03
C SER A 413 19.66 14.13 11.98
N ASP A 414 20.95 13.90 11.75
CA ASP A 414 21.74 13.04 12.63
C ASP A 414 22.28 13.86 13.79
N THR A 415 22.27 15.18 13.67
CA THR A 415 22.98 16.02 14.63
C THR A 415 22.20 17.20 15.22
N GLU A 416 21.23 17.74 14.51
CA GLU A 416 20.51 18.92 15.02
C GLU A 416 19.13 18.57 15.56
N THR A 417 18.72 19.32 16.57
CA THR A 417 17.34 19.32 17.05
C THR A 417 16.58 20.29 16.17
N VAL A 418 15.43 19.87 15.63
CA VAL A 418 14.71 20.62 14.61
C VAL A 418 13.23 20.68 14.97
N THR A 419 12.63 21.87 14.86
CA THR A 419 11.20 22.03 15.05
C THR A 419 10.47 21.74 13.70
N LYS A 420 9.41 20.92 13.76
CA LYS A 420 8.56 20.59 12.63
C LYS A 420 7.16 20.97 13.03
N THR A 421 6.39 21.50 12.08
CA THR A 421 5.05 21.92 12.32
C THR A 421 4.15 21.63 11.09
N ILE A 422 2.91 21.20 11.38
CA ILE A 422 1.83 21.13 10.43
C ILE A 422 0.73 22.06 10.93
N ASP A 423 0.46 23.09 10.15
CA ASP A 423 -0.60 24.04 10.41
C ASP A 423 -1.92 23.56 9.84
N PHE A 424 -2.98 23.54 10.65
CA PHE A 424 -4.23 22.93 10.21
C PHE A 424 -4.94 23.73 9.10
N ALA A 425 -4.79 25.06 9.09
CA ALA A 425 -5.32 25.91 8.00
C ALA A 425 -4.38 25.99 6.79
N LYS A 426 -3.12 26.34 7.01
CA LYS A 426 -2.20 26.57 5.89
C LYS A 426 -1.76 25.28 5.17
N ASP A 427 -1.55 24.21 5.92
CA ASP A 427 -1.09 22.95 5.34
C ASP A 427 -2.23 21.99 5.06
N LEU A 428 -3.06 21.69 6.06
CA LEU A 428 -4.14 20.72 5.87
C LEU A 428 -5.36 21.26 5.12
N GLY A 429 -5.66 22.53 5.33
CA GLY A 429 -6.75 23.21 4.60
C GLY A 429 -8.08 23.19 5.32
N LEU A 430 -8.04 23.17 6.64
CA LEU A 430 -9.23 23.15 7.48
C LEU A 430 -9.58 24.55 7.95
N ALA A 431 -10.84 24.77 8.27
CA ALA A 431 -11.32 26.06 8.78
C ALA A 431 -11.46 26.08 10.29
N THR A 432 -11.25 24.93 10.92
CA THR A 432 -11.77 24.67 12.27
C THR A 432 -10.75 24.44 13.37
N GLY A 433 -9.47 24.31 13.05
CA GLY A 433 -8.55 23.74 14.04
C GLY A 433 -8.97 22.34 14.49
N GLY A 434 -8.40 21.88 15.59
CA GLY A 434 -8.71 20.56 16.11
C GLY A 434 -8.10 20.25 17.47
N ASN A 435 -8.75 19.35 18.19
CA ASN A 435 -8.21 18.82 19.43
C ASN A 435 -7.06 17.88 19.10
N VAL A 436 -5.96 17.99 19.84
CA VAL A 436 -4.73 17.27 19.49
C VAL A 436 -4.28 16.41 20.66
N ARG A 437 -3.99 15.14 20.35
CA ARG A 437 -3.50 14.21 21.31
C ARG A 437 -2.16 13.67 20.81
N ASP A 438 -1.15 13.76 21.67
CA ASP A 438 0.16 13.18 21.43
C ASP A 438 0.11 11.70 21.81
N LEU A 439 0.31 10.82 20.83
CA LEU A 439 0.00 9.42 21.01
C LEU A 439 1.09 8.63 21.73
N TRP A 440 2.31 9.16 21.85
CA TRP A 440 3.36 8.49 22.65
C TRP A 440 3.41 9.06 24.05
N GLU A 441 3.14 10.35 24.19
CA GLU A 441 2.94 10.90 25.54
C GLU A 441 1.62 10.40 26.17
N HIS A 442 0.69 9.93 25.32
CA HIS A 442 -0.70 9.67 25.71
C HIS A 442 -1.31 10.87 26.46
N ARG A 443 -1.24 12.04 25.80
CA ARG A 443 -1.58 13.33 26.39
C ARG A 443 -2.43 14.19 25.47
N ASN A 444 -3.52 14.71 26.02
CA ASN A 444 -4.39 15.67 25.36
C ASN A 444 -3.77 17.05 25.42
N LEU A 445 -3.62 17.69 24.27
CA LEU A 445 -3.07 19.04 24.22
C LEU A 445 -4.15 20.12 24.09
N GLY A 446 -5.41 19.69 24.00
CA GLY A 446 -6.54 20.61 23.79
C GLY A 446 -6.71 21.08 22.36
N MET A 447 -7.59 22.07 22.18
N MET A 447 -7.58 22.07 22.20
CA MET A 447 -7.86 22.63 20.87
CA MET A 447 -7.85 22.67 20.90
C MET A 447 -6.66 23.44 20.40
C MET A 447 -6.63 23.44 20.41
N ASP A 448 -6.31 23.33 19.13
CA ASP A 448 -5.11 23.98 18.59
C ASP A 448 -5.28 24.24 17.12
N SER A 449 -4.38 25.06 16.58
CA SER A 449 -4.38 25.45 15.18
C SER A 449 -3.25 24.75 14.42
N ARG A 450 -2.44 23.98 15.14
CA ARG A 450 -1.27 23.34 14.56
C ARG A 450 -0.84 22.17 15.43
N ALA A 451 0.00 21.30 14.87
CA ALA A 451 0.72 20.29 15.61
C ALA A 451 2.20 20.54 15.36
N THR A 452 2.99 20.54 16.42
CA THR A 452 4.39 20.96 16.34
C THR A 452 5.16 20.17 17.37
N ALA A 453 6.43 19.96 17.11
CA ALA A 453 7.34 19.29 18.02
C ALA A 453 8.78 19.82 17.77
N ALA A 454 9.52 20.04 18.86
CA ALA A 454 10.96 20.25 18.80
C ALA A 454 11.60 18.87 18.96
N LEU A 455 12.08 18.30 17.86
CA LEU A 455 12.49 16.89 17.84
C LEU A 455 13.99 16.73 17.90
N ALA A 456 14.46 15.84 18.76
CA ALA A 456 15.86 15.44 18.79
C ALA A 456 16.21 14.69 17.51
N PRO A 457 17.52 14.57 17.21
CA PRO A 457 17.90 13.90 15.98
C PRO A 457 17.34 12.49 15.92
N HIS A 458 16.70 12.12 14.80
CA HIS A 458 16.08 10.80 14.59
C HIS A 458 14.73 10.59 15.31
N ALA A 459 14.27 11.60 16.02
CA ALA A 459 13.04 11.49 16.82
C ALA A 459 11.86 11.90 15.98
N SER A 460 10.67 11.50 16.45
CA SER A 460 9.44 11.85 15.80
C SER A 460 8.31 12.07 16.82
N ALA A 461 7.20 12.60 16.32
CA ALA A 461 5.95 12.72 17.09
C ALA A 461 4.77 12.36 16.19
N ILE A 462 3.73 11.78 16.77
CA ILE A 462 2.57 11.41 15.99
C ILE A 462 1.34 11.73 16.83
N PHE A 463 0.32 12.28 16.17
CA PHE A 463 -0.85 12.86 16.84
C PHE A 463 -2.14 12.38 16.19
N ARG A 464 -3.18 12.28 17.02
CA ARG A 464 -4.54 12.23 16.55
C ARG A 464 -5.10 13.64 16.66
N VAL A 465 -5.62 14.17 15.55
CA VAL A 465 -6.17 15.53 15.52
C VAL A 465 -7.64 15.39 15.18
N THR A 466 -8.50 15.92 16.04
CA THR A 466 -9.93 15.73 15.92
C THR A 466 -10.60 17.09 15.81
N PRO A 467 -10.93 17.49 14.57
CA PRO A 467 -11.63 18.74 14.37
C PRO A 467 -12.99 18.72 15.04
N PRO A 468 -13.43 19.84 15.65
CA PRO A 468 -14.80 19.86 16.13
C PRO A 468 -15.72 19.92 14.92
N LYS A 469 -16.94 19.42 15.07
CA LYS A 469 -17.90 19.42 13.96
C LYS A 469 -19.13 20.23 14.27
N MET A 470 -19.06 21.54 14.03
CA MET A 470 -20.24 22.38 14.19
C MET A 470 -21.30 21.98 13.17
N HIS A 471 -22.48 21.62 13.67
CA HIS A 471 -23.60 21.08 12.88
C HIS A 471 -23.22 19.91 11.94
N GLY A 472 -22.27 19.09 12.38
CA GLY A 472 -21.86 17.88 11.63
C GLY A 472 -20.93 18.09 10.46
N THR A 473 -20.58 19.34 10.15
CA THR A 473 -19.80 19.65 8.93
C THR A 473 -18.40 19.01 8.99
N THR A 474 -18.06 18.21 7.97
CA THR A 474 -16.76 17.51 7.91
C THR A 474 -16.07 17.85 6.60
N ARG A 475 -14.91 18.47 6.66
CA ARG A 475 -14.17 18.79 5.43
C ARG A 475 -13.09 17.75 5.13
N TYR A 476 -13.09 17.29 3.88
CA TYR A 476 -12.07 16.36 3.37
C TYR A 476 -11.29 17.04 2.24
N PRO A 477 -10.08 17.53 2.55
CA PRO A 477 -9.20 18.14 1.54
C PRO A 477 -8.68 17.15 0.48
N ALA A 478 -8.82 17.54 -0.79
CA ALA A 478 -8.50 16.66 -1.89
C ALA A 478 -7.00 16.40 -2.01
N ALA A 479 -6.17 17.34 -1.54
CA ALA A 479 -4.72 17.21 -1.67
C ALA A 479 -4.15 16.14 -0.73
N PHE A 480 -4.98 15.63 0.19
CA PHE A 480 -4.61 14.52 1.08
C PHE A 480 -5.43 13.26 0.85
N ALA A 481 -6.27 13.27 -0.19
CA ALA A 481 -7.08 12.11 -0.54
C ALA A 481 -6.30 11.18 -1.48
N ALA A 482 -7.02 10.23 -2.06
CA ALA A 482 -6.43 9.26 -2.99
C ALA A 482 -6.68 9.74 -4.41
N TRP A 483 -5.64 9.64 -5.24
CA TRP A 483 -5.69 10.08 -6.62
C TRP A 483 -5.49 8.91 -7.58
N GLY A 484 -6.26 8.91 -8.67
CA GLY A 484 -6.05 7.92 -9.73
C GLY A 484 -6.33 8.47 -11.11
N GLY A 485 -5.86 7.72 -12.10
CA GLY A 485 -6.09 8.02 -13.51
C GLY A 485 -5.54 9.32 -14.03
N GLY A 486 -4.55 9.89 -13.34
CA GLY A 486 -3.94 11.17 -13.78
C GLY A 486 -4.32 12.39 -12.96
N ALA A 487 -5.31 12.26 -12.09
CA ALA A 487 -5.55 13.30 -11.10
C ALA A 487 -4.27 13.47 -10.29
N GLY A 488 -3.99 14.70 -9.89
CA GLY A 488 -2.82 14.95 -9.09
C GLY A 488 -2.86 16.30 -8.40
N PHE A 489 -1.81 16.54 -7.62
CA PHE A 489 -1.68 17.74 -6.83
C PHE A 489 -1.20 18.91 -7.67
N ASN A 490 -1.76 20.08 -7.40
CA ASN A 490 -1.16 21.31 -7.87
C ASN A 490 -1.49 22.48 -6.92
N TYR A 491 -0.84 23.60 -7.16
CA TYR A 491 -1.00 24.78 -6.34
C TYR A 491 -0.78 26.01 -7.21
N ASN A 492 -1.08 25.90 -8.50
CA ASN A 492 -0.63 26.89 -9.45
C ASN A 492 -1.69 27.94 -9.84
N HIS A 493 -2.81 27.94 -9.10
CA HIS A 493 -3.75 29.04 -9.10
C HIS A 493 -4.10 29.40 -7.65
N PRO A 494 -3.90 30.67 -7.24
CA PRO A 494 -4.17 31.03 -5.85
C PRO A 494 -5.66 31.02 -5.52
N GLY A 495 -5.96 30.99 -4.22
CA GLY A 495 -7.33 30.96 -3.70
C GLY A 495 -7.76 29.67 -3.00
N TYR A 496 -6.98 28.61 -3.18
CA TYR A 496 -7.25 27.32 -2.51
C TYR A 496 -7.06 27.40 -1.00
N ASP A 497 -7.88 26.65 -0.27
CA ASP A 497 -7.67 26.37 1.14
C ASP A 497 -6.58 25.30 1.28
N GLY A 498 -5.67 25.44 2.25
CA GLY A 498 -4.63 24.41 2.45
C GLY A 498 -3.41 24.58 1.57
N ASN A 499 -2.73 23.47 1.27
CA ASN A 499 -1.46 23.51 0.54
C ASN A 499 -1.66 23.47 -0.96
N GLY A 500 -2.87 23.16 -1.41
CA GLY A 500 -3.12 23.03 -2.84
C GLY A 500 -4.45 22.39 -3.14
N PHE A 501 -4.56 21.82 -4.33
CA PHE A 501 -5.78 21.24 -4.80
C PHE A 501 -5.46 20.11 -5.79
N VAL A 502 -6.51 19.46 -6.29
CA VAL A 502 -6.34 18.42 -7.28
C VAL A 502 -6.71 18.92 -8.69
N ASP A 503 -5.78 18.74 -9.63
CA ASP A 503 -6.03 18.97 -11.06
C ASP A 503 -5.89 17.65 -11.85
N GLY A 504 -5.90 17.77 -13.17
CA GLY A 504 -5.90 16.61 -14.04
C GLY A 504 -7.27 15.99 -14.18
N LEU A 505 -8.28 16.68 -13.68
CA LEU A 505 -9.64 16.24 -13.84
C LEU A 505 -10.18 16.82 -15.14
N GLN A 506 -9.62 16.35 -16.25
CA GLN A 506 -9.86 16.88 -17.58
C GLN A 506 -9.77 15.73 -18.59
N ALA A 507 -10.19 15.98 -19.84
CA ALA A 507 -10.09 14.95 -20.87
C ALA A 507 -8.62 14.66 -21.14
N GLY A 508 -8.31 13.39 -21.40
CA GLY A 508 -6.93 12.96 -21.57
C GLY A 508 -6.75 11.80 -22.52
N SER A 509 -5.50 11.64 -22.95
CA SER A 509 -5.08 10.56 -23.84
C SER A 509 -5.48 9.18 -23.34
N GLY A 510 -5.15 8.87 -22.08
CA GLY A 510 -5.22 7.50 -21.56
C GLY A 510 -6.57 6.81 -21.62
N SER A 511 -6.59 5.55 -21.20
CA SER A 511 -7.83 4.76 -21.11
C SER A 511 -8.44 4.73 -19.70
N ALA A 512 -7.72 5.30 -18.72
CA ALA A 512 -8.25 5.48 -17.37
C ALA A 512 -8.83 6.90 -17.22
N ASP A 513 -9.84 7.03 -16.37
CA ASP A 513 -10.44 8.32 -16.04
C ASP A 513 -9.83 8.90 -14.74
N PRO A 514 -9.44 10.18 -14.77
CA PRO A 514 -8.90 10.80 -13.55
C PRO A 514 -9.96 10.91 -12.45
N LEU A 515 -9.56 10.64 -11.21
CA LEU A 515 -10.50 10.61 -10.11
C LEU A 515 -9.83 10.91 -8.77
N VAL A 516 -10.66 11.20 -7.77
CA VAL A 516 -10.25 11.38 -6.38
C VAL A 516 -11.21 10.54 -5.57
N THR A 517 -10.68 9.78 -4.60
CA THR A 517 -11.49 8.98 -3.72
C THR A 517 -11.28 9.43 -2.29
N PHE A 518 -12.41 9.60 -1.59
CA PHE A 518 -12.46 9.96 -0.20
C PHE A 518 -13.12 8.83 0.54
N ALA A 519 -12.57 8.45 1.70
CA ALA A 519 -13.26 7.54 2.55
C ALA A 519 -14.00 8.34 3.60
N VAL A 520 -15.26 8.02 3.79
CA VAL A 520 -16.12 8.78 4.71
C VAL A 520 -16.89 7.82 5.57
N GLN A 521 -17.10 8.22 6.82
CA GLN A 521 -17.75 7.37 7.81
C GLN A 521 -18.92 8.18 8.34
N VAL A 522 -20.11 7.60 8.29
CA VAL A 522 -21.33 8.29 8.75
C VAL A 522 -22.11 7.44 9.74
N PRO A 523 -22.84 8.11 10.66
CA PRO A 523 -23.51 7.38 11.73
C PRO A 523 -24.69 6.51 11.24
N HIS A 524 -25.34 6.88 10.16
CA HIS A 524 -26.52 6.13 9.68
C HIS A 524 -26.72 6.29 8.19
N ARG A 525 -27.51 5.39 7.62
CA ARG A 525 -27.93 5.49 6.23
C ARG A 525 -28.76 6.75 6.08
N GLY A 526 -28.66 7.37 4.91
CA GLY A 526 -29.43 8.56 4.66
C GLY A 526 -28.86 9.38 3.56
N SER A 527 -29.55 10.48 3.29
CA SER A 527 -29.14 11.45 2.31
C SER A 527 -28.41 12.56 3.07
N TYR A 528 -27.24 12.95 2.56
CA TYR A 528 -26.39 13.92 3.25
C TYR A 528 -26.08 15.09 2.34
N ALA A 529 -26.07 16.30 2.91
CA ALA A 529 -25.63 17.46 2.16
C ALA A 529 -24.12 17.34 1.90
N ILE A 530 -23.74 17.53 0.65
CA ILE A 530 -22.34 17.48 0.24
C ILE A 530 -22.05 18.75 -0.54
N ARG A 531 -20.87 19.29 -0.32
CA ARG A 531 -20.41 20.47 -1.02
C ARG A 531 -19.05 20.21 -1.65
N TYR A 532 -18.80 20.86 -2.78
CA TYR A 532 -17.57 20.68 -3.53
C TYR A 532 -16.94 22.04 -3.81
N ARG A 533 -15.79 22.33 -3.21
CA ARG A 533 -15.13 23.59 -3.54
C ARG A 533 -14.24 23.33 -4.74
N TYR A 534 -14.49 24.10 -5.80
CA TYR A 534 -13.91 23.86 -7.10
C TYR A 534 -13.54 25.16 -7.83
N ALA A 535 -12.74 25.01 -8.87
CA ALA A 535 -12.51 26.03 -9.89
C ALA A 535 -12.90 25.46 -11.26
N ASN A 536 -13.44 26.30 -12.15
CA ASN A 536 -13.77 25.91 -13.52
C ASN A 536 -13.82 27.16 -14.38
N ALA A 537 -12.76 27.36 -15.15
CA ALA A 537 -12.69 28.47 -16.10
C ALA A 537 -12.52 27.94 -17.51
N THR A 538 -13.16 26.81 -17.81
CA THR A 538 -13.21 26.27 -19.19
C THR A 538 -14.00 27.14 -20.17
N GLY A 539 -14.87 28.00 -19.64
CA GLY A 539 -15.71 28.88 -20.46
C GLY A 539 -17.13 28.35 -20.55
N ASP A 540 -17.41 27.28 -19.83
CA ASP A 540 -18.72 26.64 -19.88
C ASP A 540 -18.84 25.71 -18.69
N THR A 541 -20.07 25.35 -18.36
CA THR A 541 -20.34 24.40 -17.29
C THR A 541 -19.51 23.12 -17.46
N SER A 542 -18.95 22.62 -16.37
CA SER A 542 -18.26 21.32 -16.38
C SER A 542 -19.08 20.29 -15.60
N THR A 543 -18.84 19.00 -15.86
CA THR A 543 -19.50 17.93 -15.10
C THR A 543 -18.47 16.92 -14.58
N MET A 544 -18.80 16.24 -13.50
CA MET A 544 -18.00 15.09 -13.03
C MET A 544 -18.94 14.00 -12.62
N THR A 545 -18.48 12.76 -12.73
CA THR A 545 -19.21 11.61 -12.26
C THR A 545 -18.87 11.33 -10.78
N VAL A 546 -19.91 11.28 -9.95
CA VAL A 546 -19.80 11.02 -8.52
C VAL A 546 -20.50 9.71 -8.17
N THR A 547 -19.84 8.88 -7.36
CA THR A 547 -20.44 7.66 -6.77
C THR A 547 -20.12 7.55 -5.28
N ALA A 548 -21.00 6.85 -4.55
CA ALA A 548 -20.67 6.29 -3.23
C ALA A 548 -20.72 4.77 -3.36
N GLU A 549 -19.79 4.09 -2.68
CA GLU A 549 -19.67 2.64 -2.77
C GLU A 549 -19.25 2.06 -1.43
N LYS A 550 -19.55 0.77 -1.23
CA LYS A 550 -19.10 0.03 -0.07
C LYS A 550 -17.64 -0.32 -0.33
N ALA A 551 -16.91 -0.74 0.70
CA ALA A 551 -15.55 -1.28 0.51
C ALA A 551 -15.49 -2.36 -0.58
N ASP A 552 -16.50 -3.22 -0.66
CA ASP A 552 -16.53 -4.32 -1.66
C ASP A 552 -16.89 -3.87 -3.08
N ARG A 553 -17.02 -2.55 -3.27
CA ARG A 553 -17.31 -1.89 -4.55
C ARG A 553 -18.81 -1.73 -4.90
N SER A 554 -19.69 -2.44 -4.18
CA SER A 554 -21.15 -2.29 -4.33
C SER A 554 -21.58 -0.83 -4.31
N THR A 555 -22.46 -0.46 -5.24
CA THR A 555 -22.91 0.93 -5.38
C THR A 555 -23.94 1.29 -4.31
N VAL A 556 -23.68 2.41 -3.64
CA VAL A 556 -24.60 2.99 -2.69
C VAL A 556 -25.29 4.19 -3.33
N ASP A 557 -24.57 4.96 -4.17
CA ASP A 557 -25.16 6.08 -4.88
C ASP A 557 -24.47 6.34 -6.20
N GLY A 558 -25.27 6.79 -7.17
CA GLY A 558 -24.75 7.11 -8.51
C GLY A 558 -24.55 5.86 -9.35
N PRO A 559 -23.72 5.95 -10.39
CA PRO A 559 -22.98 7.14 -10.84
C PRO A 559 -23.90 8.29 -11.34
N VAL A 560 -23.60 9.53 -10.96
CA VAL A 560 -24.36 10.68 -11.48
C VAL A 560 -23.42 11.80 -11.94
N HIS A 561 -23.87 12.57 -12.92
CA HIS A 561 -23.14 13.77 -13.36
C HIS A 561 -23.51 14.91 -12.43
N VAL A 562 -22.51 15.52 -11.80
CA VAL A 562 -22.70 16.69 -10.98
C VAL A 562 -22.16 17.89 -11.77
N SER A 563 -22.86 19.02 -11.69
CA SER A 563 -22.53 20.20 -12.51
C SER A 563 -21.79 21.27 -11.76
N PHE A 564 -20.81 21.85 -12.45
CA PHE A 564 -19.93 22.85 -11.86
C PHE A 564 -19.96 24.07 -12.76
N PRO A 565 -20.74 25.10 -12.36
CA PRO A 565 -20.85 26.33 -13.13
C PRO A 565 -19.49 26.93 -13.52
N GLY A 566 -19.37 27.38 -14.77
CA GLY A 566 -18.16 28.08 -15.22
C GLY A 566 -17.99 29.37 -14.43
N LEU A 567 -16.74 29.78 -14.23
CA LEU A 567 -16.41 30.97 -13.44
C LEU A 567 -15.38 31.77 -14.22
N ALA A 568 -15.19 33.02 -13.80
CA ALA A 568 -14.44 34.00 -14.57
C ALA A 568 -12.99 33.56 -14.89
N THR A 569 -12.23 33.18 -13.85
CA THR A 569 -10.82 32.81 -14.02
C THR A 569 -10.48 31.54 -13.26
N TRP A 570 -9.31 31.00 -13.52
CA TRP A 570 -8.83 29.81 -12.78
C TRP A 570 -8.47 30.12 -11.32
N ASP A 571 -8.29 31.40 -10.99
CA ASP A 571 -8.07 31.84 -9.59
C ASP A 571 -9.38 32.02 -8.84
N THR A 572 -10.51 31.78 -9.49
CA THR A 572 -11.82 31.94 -8.86
C THR A 572 -12.31 30.60 -8.38
N TRP A 573 -12.78 30.57 -7.15
CA TRP A 573 -13.26 29.34 -6.55
C TRP A 573 -14.72 29.50 -6.28
N GLY A 574 -15.46 28.40 -6.34
CA GLY A 574 -16.83 28.36 -5.88
C GLY A 574 -17.13 27.03 -5.24
N VAL A 575 -18.39 26.90 -4.78
CA VAL A 575 -18.86 25.74 -4.03
C VAL A 575 -20.14 25.19 -4.65
N ALA A 576 -20.07 24.02 -5.30
CA ALA A 576 -21.30 23.38 -5.78
C ALA A 576 -21.93 22.58 -4.65
N ASP A 577 -23.26 22.50 -4.68
CA ASP A 577 -24.03 21.81 -3.65
C ASP A 577 -24.68 20.63 -4.26
N GLY A 578 -24.80 19.57 -3.48
CA GLY A 578 -25.42 18.38 -3.95
C GLY A 578 -25.91 17.62 -2.75
N THR A 579 -26.42 16.43 -3.02
CA THR A 579 -26.86 15.53 -2.00
C THR A 579 -26.37 14.14 -2.39
N ILE A 580 -26.00 13.35 -1.39
CA ILE A 580 -25.48 12.01 -1.63
C ILE A 580 -26.00 11.03 -0.56
N THR A 581 -26.43 9.86 -1.00
CA THR A 581 -26.90 8.82 -0.10
C THR A 581 -25.70 7.97 0.31
N LEU A 582 -25.50 7.84 1.63
CA LEU A 582 -24.40 7.08 2.23
C LEU A 582 -24.97 6.06 3.20
N ASP A 583 -24.34 4.90 3.32
CA ASP A 583 -24.76 3.90 4.30
C ASP A 583 -24.01 4.09 5.60
N ALA A 584 -24.56 3.51 6.67
CA ALA A 584 -23.92 3.60 7.97
C ALA A 584 -22.52 3.02 7.84
N GLY A 585 -21.57 3.69 8.47
CA GLY A 585 -20.20 3.20 8.44
C GLY A 585 -19.43 3.74 7.27
N LEU A 586 -18.55 2.89 6.73
CA LEU A 586 -17.58 3.27 5.70
C LEU A 586 -18.16 3.31 4.28
N ASN A 587 -18.03 4.47 3.63
CA ASN A 587 -18.34 4.63 2.20
C ASN A 587 -17.11 5.19 1.50
N LEU A 588 -16.92 4.81 0.24
CA LEU A 588 -15.91 5.41 -0.63
C LEU A 588 -16.62 6.33 -1.62
N VAL A 589 -16.37 7.63 -1.48
CA VAL A 589 -16.92 8.65 -2.36
C VAL A 589 -15.86 9.02 -3.37
N THR A 590 -16.15 8.72 -4.63
CA THR A 590 -15.20 8.88 -5.70
C THR A 590 -15.78 9.86 -6.70
N ILE A 591 -14.99 10.89 -7.01
CA ILE A 591 -15.39 11.88 -8.01
C ILE A 591 -14.35 11.91 -9.11
N GLY A 592 -14.81 11.83 -10.36
CA GLY A 592 -13.91 11.78 -11.51
C GLY A 592 -14.52 12.23 -12.82
N ARG A 593 -13.65 12.41 -13.82
CA ARG A 593 -13.97 12.90 -15.17
C ARG A 593 -14.02 11.75 -16.19
N GLY A 594 -15.22 11.28 -16.49
CA GLY A 594 -15.43 10.24 -17.49
C GLY A 594 -15.50 10.76 -18.92
N ALA A 595 -15.61 9.84 -19.86
CA ALA A 595 -15.62 10.22 -21.28
C ALA A 595 -16.83 11.07 -21.61
N THR A 596 -17.94 10.83 -20.92
CA THR A 596 -19.18 11.55 -21.15
C THR A 596 -19.30 12.85 -20.37
N ASP A 597 -18.38 13.11 -19.43
CA ASP A 597 -18.41 14.36 -18.67
C ASP A 597 -17.91 15.52 -19.54
N LYS A 598 -18.20 16.73 -19.13
CA LYS A 598 -17.90 17.92 -19.92
C LYS A 598 -16.88 18.81 -19.25
N GLY A 599 -15.90 19.27 -20.00
CA GLY A 599 -14.95 20.29 -19.52
C GLY A 599 -13.97 19.75 -18.50
N ALA A 600 -13.84 20.46 -17.37
CA ALA A 600 -12.84 20.13 -16.36
C ALA A 600 -13.03 20.97 -15.12
N ILE A 601 -12.57 20.45 -13.98
CA ILE A 601 -12.51 21.24 -12.75
C ILE A 601 -11.18 21.00 -12.08
N ASN A 602 -10.82 21.92 -11.19
CA ASN A 602 -9.83 21.66 -10.15
C ASN A 602 -10.61 21.54 -8.87
N LEU A 603 -10.28 20.56 -8.03
CA LEU A 603 -11.03 20.31 -6.82
C LEU A 603 -10.18 20.59 -5.56
N ASN A 604 -10.74 21.39 -4.66
CA ASN A 604 -10.05 21.75 -3.43
C ASN A 604 -10.45 20.82 -2.31
N TRP A 605 -11.75 20.68 -2.09
CA TRP A 605 -12.27 19.80 -1.05
C TRP A 605 -13.71 19.42 -1.26
N ILE A 606 -14.15 18.46 -0.47
CA ILE A 606 -15.56 18.18 -0.28
C ILE A 606 -15.89 18.34 1.19
N GLU A 607 -17.14 18.69 1.45
CA GLU A 607 -17.68 18.75 2.81
C GLU A 607 -18.97 17.95 2.87
N LEU A 608 -19.15 17.27 3.99
CA LEU A 608 -20.37 16.52 4.28
C LEU A 608 -20.93 17.01 5.59
N ASP A 609 -22.22 17.35 5.61
CA ASP A 609 -22.87 17.71 6.85
C ASP A 609 -23.47 16.41 7.41
N MET A 610 -22.80 15.79 8.39
CA MET A 610 -23.23 14.47 8.89
C MET A 610 -23.80 14.49 10.29
#